data_277D
# 
_entry.id   277D 
# 
_audit_conform.dict_name       mmcif_pdbx.dic 
_audit_conform.dict_version    5.387 
_audit_conform.dict_location   http://mmcif.pdb.org/dictionaries/ascii/mmcif_pdbx.dic 
# 
loop_
_database_2.database_id 
_database_2.database_code 
_database_2.pdbx_database_accession 
_database_2.pdbx_DOI 
PDB   277D         pdb_0000277d 10.2210/pdb277d/pdb 
RCSB  DDF067       ?            ?                   
WWPDB D_1000177689 ?            ?                   
# 
loop_
_pdbx_audit_revision_history.ordinal 
_pdbx_audit_revision_history.data_content_type 
_pdbx_audit_revision_history.major_revision 
_pdbx_audit_revision_history.minor_revision 
_pdbx_audit_revision_history.revision_date 
1 'Structure model' 1 0 1996-09-16 
2 'Structure model' 1 1 2008-05-22 
3 'Structure model' 1 2 2011-07-13 
4 'Structure model' 1 3 2024-02-14 
# 
_pdbx_audit_revision_details.ordinal             1 
_pdbx_audit_revision_details.revision_ordinal    1 
_pdbx_audit_revision_details.data_content_type   'Structure model' 
_pdbx_audit_revision_details.provider            repository 
_pdbx_audit_revision_details.type                'Initial release' 
_pdbx_audit_revision_details.description         ? 
_pdbx_audit_revision_details.details             ? 
# 
loop_
_pdbx_audit_revision_group.ordinal 
_pdbx_audit_revision_group.revision_ordinal 
_pdbx_audit_revision_group.data_content_type 
_pdbx_audit_revision_group.group 
1 2 'Structure model' 'Version format compliance' 
2 3 'Structure model' 'Version format compliance' 
3 4 'Structure model' 'Data collection'           
4 4 'Structure model' 'Database references'       
5 4 'Structure model' 'Derived calculations'      
# 
loop_
_pdbx_audit_revision_category.ordinal 
_pdbx_audit_revision_category.revision_ordinal 
_pdbx_audit_revision_category.data_content_type 
_pdbx_audit_revision_category.category 
1 4 'Structure model' chem_comp_atom 
2 4 'Structure model' chem_comp_bond 
3 4 'Structure model' database_2     
4 4 'Structure model' struct_conn    
5 4 'Structure model' struct_site    
# 
loop_
_pdbx_audit_revision_item.ordinal 
_pdbx_audit_revision_item.revision_ordinal 
_pdbx_audit_revision_item.data_content_type 
_pdbx_audit_revision_item.item 
1  4 'Structure model' '_database_2.pdbx_DOI'                
2  4 'Structure model' '_database_2.pdbx_database_accession' 
3  4 'Structure model' '_struct_conn.pdbx_dist_value'        
4  4 'Structure model' '_struct_conn.pdbx_leaving_atom_flag' 
5  4 'Structure model' '_struct_conn.ptnr1_auth_comp_id'     
6  4 'Structure model' '_struct_conn.ptnr1_auth_seq_id'      
7  4 'Structure model' '_struct_conn.ptnr1_label_atom_id'    
8  4 'Structure model' '_struct_conn.ptnr1_label_comp_id'    
9  4 'Structure model' '_struct_conn.ptnr1_label_seq_id'     
10 4 'Structure model' '_struct_conn.ptnr2_auth_comp_id'     
11 4 'Structure model' '_struct_conn.ptnr2_auth_seq_id'      
12 4 'Structure model' '_struct_conn.ptnr2_label_asym_id'    
13 4 'Structure model' '_struct_conn.ptnr2_label_atom_id'    
14 4 'Structure model' '_struct_conn.ptnr2_label_comp_id'    
15 4 'Structure model' '_struct_conn.ptnr2_label_seq_id'     
16 4 'Structure model' '_struct_site.pdbx_auth_asym_id'      
17 4 'Structure model' '_struct_site.pdbx_auth_comp_id'      
18 4 'Structure model' '_struct_site.pdbx_auth_seq_id'       
# 
_pdbx_database_status.status_code                     REL 
_pdbx_database_status.entry_id                        277D 
_pdbx_database_status.recvd_initial_deposition_date   1996-07-22 
_pdbx_database_status.deposit_site                    NDB 
_pdbx_database_status.process_site                    NDB 
_pdbx_database_status.SG_entry                        . 
_pdbx_database_status.pdb_format_compatible           Y 
_pdbx_database_status.status_code_mr                  ? 
_pdbx_database_status.status_code_sf                  ? 
_pdbx_database_status.status_code_cs                  ? 
_pdbx_database_status.status_code_nmr_data            ? 
_pdbx_database_status.methods_development_category    ? 
# 
loop_
_audit_author.name 
_audit_author.pdbx_ordinal 
'Gao, Y.-G.'    1 
'Priebe, W.'    2 
'Wang, A.H.-J.' 3 
# 
_citation.id                        primary 
_citation.title                     
;Substitutions at C2' of daunosamine in the anticancer drug daunorubicin alter its DNA-binding sequence specificity.
;
_citation.journal_abbrev            Eur.J.Biochem. 
_citation.journal_volume            240 
_citation.page_first                331 
_citation.page_last                 335 
_citation.year                      1996 
_citation.journal_id_ASTM           EJBCAI 
_citation.country                   IX 
_citation.journal_id_ISSN           0014-2956 
_citation.journal_id_CSD            0262 
_citation.book_publisher            ? 
_citation.pdbx_database_id_PubMed   8841395 
_citation.pdbx_database_id_DOI      10.1111/j.1432-1033.1996.0331h.x 
# 
loop_
_citation_author.citation_id 
_citation_author.name 
_citation_author.ordinal 
_citation_author.identifier_ORCID 
primary 'Gao, Y.G.'  1 ? 
primary 'Priebe, W.' 2 ? 
primary 'Wang, A.H.' 3 ? 
# 
loop_
_entity.id 
_entity.type 
_entity.src_method 
_entity.pdbx_description 
_entity.formula_weight 
_entity.pdbx_number_of_molecules 
_entity.pdbx_ec 
_entity.pdbx_mutation 
_entity.pdbx_fragment 
_entity.details 
1 polymer     syn "5'-D(*CP*GP*CP*(G49)P*CP*G)-3'" 1824.232 1  ? ? ? ? 
2 non-polymer syn "2'-BROMO-4'-EPIDAUNORUBICIN"    606.416  1  ? ? ? ? 
3 water       nat water                            18.015   44 ? ? ? ? 
# 
_entity_poly.entity_id                      1 
_entity_poly.type                           polydeoxyribonucleotide 
_entity_poly.nstd_linkage                   no 
_entity_poly.nstd_monomer                   yes 
_entity_poly.pdbx_seq_one_letter_code       '(DC)(DG)(DC)(G49)(DC)(DG)' 
_entity_poly.pdbx_seq_one_letter_code_can   CGCGCG 
_entity_poly.pdbx_strand_id                 A 
_entity_poly.pdbx_target_identifier         ? 
# 
loop_
_pdbx_entity_nonpoly.entity_id 
_pdbx_entity_nonpoly.name 
_pdbx_entity_nonpoly.comp_id 
2 "2'-BROMO-4'-EPIDAUNORUBICIN" DM8 
3 water                         HOH 
# 
loop_
_entity_poly_seq.entity_id 
_entity_poly_seq.num 
_entity_poly_seq.mon_id 
_entity_poly_seq.hetero 
1 1 DC  n 
1 2 DG  n 
1 3 DC  n 
1 4 G49 n 
1 5 DC  n 
1 6 DG  n 
# 
loop_
_chem_comp.id 
_chem_comp.type 
_chem_comp.mon_nstd_flag 
_chem_comp.name 
_chem_comp.pdbx_synonyms 
_chem_comp.formula 
_chem_comp.formula_weight 
DC  'DNA linking' y "2'-DEOXYCYTIDINE-5'-MONOPHOSPHATE"             ?                                                       
'C9 H14 N3 O7 P'   307.197 
DG  'DNA linking' y "2'-DEOXYGUANOSINE-5'-MONOPHOSPHATE"            ?                                                       
'C10 H14 N5 O7 P'  347.221 
DM8 non-polymer   . "2'-BROMO-4'-EPIDAUNORUBICIN"                   'WP401; DAUNOMYCIN DERIVATIVE; DAUNORUBICIN DERIVATIVE' 
'C27 H28 Br N O10' 606.416 
G49 'DNA linking' n "N2-METHYL-2'-DEOXY-GUANOSINE-5'-MONOPHOSPHATE" ?                                                       
'C11 H16 N5 O7 P'  361.248 
HOH non-polymer   . WATER                                           ?                                                       'H2 O' 
18.015  
# 
loop_
_pdbx_poly_seq_scheme.asym_id 
_pdbx_poly_seq_scheme.entity_id 
_pdbx_poly_seq_scheme.seq_id 
_pdbx_poly_seq_scheme.mon_id 
_pdbx_poly_seq_scheme.ndb_seq_num 
_pdbx_poly_seq_scheme.pdb_seq_num 
_pdbx_poly_seq_scheme.auth_seq_num 
_pdbx_poly_seq_scheme.pdb_mon_id 
_pdbx_poly_seq_scheme.auth_mon_id 
_pdbx_poly_seq_scheme.pdb_strand_id 
_pdbx_poly_seq_scheme.pdb_ins_code 
_pdbx_poly_seq_scheme.hetero 
A 1 1 DC  1 1 1 DC  C  A . n 
A 1 2 DG  2 2 2 DG  G  A . n 
A 1 3 DC  3 3 3 DC  C  A . n 
A 1 4 G49 4 4 4 G49 +G A . n 
A 1 5 DC  5 5 5 DC  C  A . n 
A 1 6 DG  6 6 6 DG  G  A . n 
# 
loop_
_pdbx_nonpoly_scheme.asym_id 
_pdbx_nonpoly_scheme.entity_id 
_pdbx_nonpoly_scheme.mon_id 
_pdbx_nonpoly_scheme.ndb_seq_num 
_pdbx_nonpoly_scheme.pdb_seq_num 
_pdbx_nonpoly_scheme.auth_seq_num 
_pdbx_nonpoly_scheme.pdb_mon_id 
_pdbx_nonpoly_scheme.auth_mon_id 
_pdbx_nonpoly_scheme.pdb_strand_id 
_pdbx_nonpoly_scheme.pdb_ins_code 
B 2 DM8 1  7  4  DM8 DM8 A . 
C 3 HOH 1  8  8  HOH HOH A . 
C 3 HOH 2  9  9  HOH HOH A . 
C 3 HOH 3  10 10 HOH HOH A . 
C 3 HOH 4  11 11 HOH HOH A . 
C 3 HOH 5  12 12 HOH HOH A . 
C 3 HOH 6  13 13 HOH HOH A . 
C 3 HOH 7  14 14 HOH HOH A . 
C 3 HOH 8  15 15 HOH HOH A . 
C 3 HOH 9  16 16 HOH HOH A . 
C 3 HOH 10 17 17 HOH HOH A . 
C 3 HOH 11 18 18 HOH HOH A . 
C 3 HOH 12 19 19 HOH HOH A . 
C 3 HOH 13 20 20 HOH HOH A . 
C 3 HOH 14 21 21 HOH HOH A . 
C 3 HOH 15 22 22 HOH HOH A . 
C 3 HOH 16 23 23 HOH HOH A . 
C 3 HOH 17 24 24 HOH HOH A . 
C 3 HOH 18 25 25 HOH HOH A . 
C 3 HOH 19 26 26 HOH HOH A . 
C 3 HOH 20 27 27 HOH HOH A . 
C 3 HOH 21 28 28 HOH HOH A . 
C 3 HOH 22 29 29 HOH HOH A . 
C 3 HOH 23 30 30 HOH HOH A . 
C 3 HOH 24 31 31 HOH HOH A . 
C 3 HOH 25 32 32 HOH HOH A . 
C 3 HOH 26 33 33 HOH HOH A . 
C 3 HOH 27 34 34 HOH HOH A . 
C 3 HOH 28 35 35 HOH HOH A . 
C 3 HOH 29 36 36 HOH HOH A . 
C 3 HOH 30 37 37 HOH HOH A . 
C 3 HOH 31 38 38 HOH HOH A . 
C 3 HOH 32 39 39 HOH HOH A . 
C 3 HOH 33 40 40 HOH HOH A . 
C 3 HOH 34 41 41 HOH HOH A . 
C 3 HOH 35 42 42 HOH HOH A . 
C 3 HOH 36 43 43 HOH HOH A . 
C 3 HOH 37 44 44 HOH HOH A . 
C 3 HOH 38 45 45 HOH HOH A . 
C 3 HOH 39 46 46 HOH HOH A . 
C 3 HOH 40 47 47 HOH HOH A . 
C 3 HOH 41 48 48 HOH HOH A . 
C 3 HOH 42 49 49 HOH HOH A . 
C 3 HOH 43 50 50 HOH HOH A . 
C 3 HOH 44 51 51 HOH HOH A . 
# 
loop_
_software.name 
_software.classification 
_software.version 
_software.citation_id 
_software.pdbx_ordinal 
MSC    'data collection' . ? 1 
NUCLSQ refinement        . ? 2 
MSC    'data reduction'  . ? 3 
# 
_cell.entry_id           277D 
_cell.length_a           28.190 
_cell.length_b           28.190 
_cell.length_c           52.660 
_cell.angle_alpha        90.00 
_cell.angle_beta         90.00 
_cell.angle_gamma        90.00 
_cell.Z_PDB              8 
_cell.pdbx_unique_axis   ? 
# 
_symmetry.entry_id                         277D 
_symmetry.space_group_name_H-M             'P 41 21 2' 
_symmetry.pdbx_full_space_group_name_H-M   ? 
_symmetry.cell_setting                     tetragonal 
_symmetry.Int_Tables_number                92 
# 
_exptl.entry_id          277D 
_exptl.method            'X-RAY DIFFRACTION' 
_exptl.crystals_number   ? 
# 
_exptl_crystal.id                    1 
_exptl_crystal.density_meas          ? 
_exptl_crystal.density_percent_sol   55.22 
_exptl_crystal.density_Matthews      2.75 
_exptl_crystal.description           ? 
# 
_exptl_crystal_grow.crystal_id      1 
_exptl_crystal_grow.method          'VAPOR DIFFUSION' 
_exptl_crystal_grow.temp            298.00 
_exptl_crystal_grow.temp_details    'ROOM TEMPERATURE' 
_exptl_crystal_grow.pH              6.00 
_exptl_crystal_grow.pdbx_details    'pH 6.00, VAPOR DIFFUSION, temperature 298.00K' 
_exptl_crystal_grow.pdbx_pH_range   . 
# 
loop_
_exptl_crystal_grow_comp.crystal_id 
_exptl_crystal_grow_comp.id 
_exptl_crystal_grow_comp.sol_id 
_exptl_crystal_grow_comp.name 
_exptl_crystal_grow_comp.volume 
_exptl_crystal_grow_comp.conc 
_exptl_crystal_grow_comp.details 
1 1 1 WATER           ? ? ? 
1 2 1 MPD             ? ? ? 
1 3 1 BACL2           ? ? ? 
1 4 1 'NA CACODYLATE' ? ? ? 
1 5 1 SPERMINE        ? ? ? 
1 6 2 WATER           ? ? ? 
1 7 2 MPD             ? ? ? 
# 
_diffrn.id                     1 
_diffrn.ambient_temp           293.00 
_diffrn.ambient_temp_details   ? 
_diffrn.crystal_id             1 
# 
_diffrn_detector.diffrn_id              1 
_diffrn_detector.detector               'IMAGE PLATE' 
_diffrn_detector.type                   'RIGAKU RAXIS IIC' 
_diffrn_detector.pdbx_collection_date   1995-11-19 
_diffrn_detector.details                ? 
# 
_diffrn_radiation.diffrn_id                        1 
_diffrn_radiation.wavelength_id                    1 
_diffrn_radiation.pdbx_monochromatic_or_laue_m_l   M 
_diffrn_radiation.monochromator                    ? 
_diffrn_radiation.pdbx_diffrn_protocol             'SINGLE WAVELENGTH' 
_diffrn_radiation.pdbx_scattering_type             x-ray 
# 
_diffrn_radiation_wavelength.id           1 
_diffrn_radiation_wavelength.wavelength   . 
_diffrn_radiation_wavelength.wt           1.0 
# 
_diffrn_source.diffrn_id                   1 
_diffrn_source.source                      'ROTATING ANODE' 
_diffrn_source.type                        'RIGAKU RU200' 
_diffrn_source.pdbx_synchrotron_site       ? 
_diffrn_source.pdbx_synchrotron_beamline   ? 
_diffrn_source.pdbx_wavelength             ? 
_diffrn_source.pdbx_wavelength_list        ? 
# 
_reflns.entry_id                     277D 
_reflns.observed_criterion_sigma_I   ? 
_reflns.observed_criterion_sigma_F   ? 
_reflns.d_resolution_low             ? 
_reflns.d_resolution_high            ? 
_reflns.number_obs                   ? 
_reflns.number_all                   ? 
_reflns.percent_possible_obs         ? 
_reflns.pdbx_Rmerge_I_obs            0.069 
_reflns.pdbx_Rsym_value              ? 
_reflns.pdbx_netI_over_sigmaI        ? 
_reflns.B_iso_Wilson_estimate        ? 
_reflns.pdbx_redundancy              4.000 
_reflns.R_free_details               ? 
_reflns.pdbx_diffrn_id               1 
_reflns.pdbx_ordinal                 1 
# 
_refine.entry_id                                 277D 
_refine.ls_number_reflns_obs                     1667 
_refine.ls_number_reflns_all                     ? 
_refine.pdbx_ls_sigma_I                          ? 
_refine.pdbx_ls_sigma_F                          4.000 
_refine.pdbx_data_cutoff_high_absF               ? 
_refine.pdbx_data_cutoff_low_absF                ? 
_refine.pdbx_data_cutoff_high_rms_absF           ? 
_refine.ls_d_res_low                             10.000 
_refine.ls_d_res_high                            1.800 
_refine.ls_percent_reflns_obs                    ? 
_refine.ls_R_factor_obs                          0.213 
_refine.ls_R_factor_all                          ? 
_refine.ls_R_factor_R_work                       ? 
_refine.ls_R_factor_R_free                       ? 
_refine.ls_R_factor_R_free_error                 ? 
_refine.ls_R_factor_R_free_error_details         ? 
_refine.ls_percent_reflns_R_free                 ? 
_refine.ls_number_reflns_R_free                  ? 
_refine.ls_number_parameters                     ? 
_refine.ls_number_restraints                     ? 
_refine.occupancy_min                            ? 
_refine.occupancy_max                            ? 
_refine.B_iso_mean                               ? 
_refine.aniso_B[1][1]                            ? 
_refine.aniso_B[2][2]                            ? 
_refine.aniso_B[3][3]                            ? 
_refine.aniso_B[1][2]                            ? 
_refine.aniso_B[1][3]                            ? 
_refine.aniso_B[2][3]                            ? 
_refine.solvent_model_details                    ? 
_refine.solvent_model_param_ksol                 ? 
_refine.solvent_model_param_bsol                 ? 
_refine.pdbx_ls_cross_valid_method               ? 
_refine.details                                  ? 
_refine.pdbx_starting_model                      ? 
_refine.pdbx_method_to_determine_struct          ? 
_refine.pdbx_isotropic_thermal_model             ? 
_refine.pdbx_stereochemistry_target_values       ? 
_refine.pdbx_stereochem_target_val_spec_case     ? 
_refine.pdbx_R_Free_selection_details            ? 
_refine.pdbx_overall_ESU_R                       ? 
_refine.pdbx_overall_ESU_R_Free                  ? 
_refine.overall_SU_ML                            ? 
_refine.overall_SU_B                             ? 
_refine.ls_redundancy_reflns_obs                 ? 
_refine.correlation_coeff_Fo_to_Fc               ? 
_refine.correlation_coeff_Fo_to_Fc_free          ? 
_refine.pdbx_solvent_vdw_probe_radii             ? 
_refine.pdbx_solvent_ion_probe_radii             ? 
_refine.pdbx_solvent_shrinkage_radii             ? 
_refine.overall_SU_R_Cruickshank_DPI             ? 
_refine.overall_SU_R_free                        ? 
_refine.pdbx_refine_id                           'X-RAY DIFFRACTION' 
_refine.pdbx_diffrn_id                           1 
_refine.pdbx_TLS_residual_ADP_flag               ? 
_refine.pdbx_overall_phase_error                 ? 
_refine.pdbx_overall_SU_R_free_Cruickshank_DPI   ? 
_refine.pdbx_overall_SU_R_Blow_DPI               ? 
_refine.pdbx_overall_SU_R_free_Blow_DPI          ? 
# 
_refine_hist.pdbx_refine_id                   'X-RAY DIFFRACTION' 
_refine_hist.cycle_id                         LAST 
_refine_hist.pdbx_number_atoms_protein        0 
_refine_hist.pdbx_number_atoms_nucleic_acid   120 
_refine_hist.pdbx_number_atoms_ligand         40 
_refine_hist.number_atoms_solvent             44 
_refine_hist.number_atoms_total               204 
_refine_hist.d_res_high                       1.800 
_refine_hist.d_res_low                        10.000 
# 
loop_
_refine_ls_restr.type 
_refine_ls_restr.dev_ideal 
_refine_ls_restr.dev_ideal_target 
_refine_ls_restr.weight 
_refine_ls_restr.number 
_refine_ls_restr.pdbx_refine_id 
_refine_ls_restr.pdbx_restraint_function 
n_bond_d               0.023 ? ? ? 'X-RAY DIFFRACTION' ? 
n_angle_d              ?     ? ? ? 'X-RAY DIFFRACTION' ? 
n_planar_d             ?     ? ? ? 'X-RAY DIFFRACTION' ? 
n_hb_or_metal_coord    ?     ? ? ? 'X-RAY DIFFRACTION' ? 
n_sugar_bond_it        ?     ? ? ? 'X-RAY DIFFRACTION' ? 
n_sugar_angle_it       ?     ? ? ? 'X-RAY DIFFRACTION' ? 
n_phos_bond_it         ?     ? ? ? 'X-RAY DIFFRACTION' ? 
n_phos_angle_it        ?     ? ? ? 'X-RAY DIFFRACTION' ? 
n_bond_angle_restr     ?     ? ? ? 'X-RAY DIFFRACTION' ? 
n_dihedral_angle_restr ?     ? ? ? 'X-RAY DIFFRACTION' ? 
n_impr_tor             ?     ? ? ? 'X-RAY DIFFRACTION' ? 
n_sugar_bond_d         ?     ? ? ? 'X-RAY DIFFRACTION' ? 
n_sugar_bond_angle_d   ?     ? ? ? 'X-RAY DIFFRACTION' ? 
n_phos_bond_d          ?     ? ? ? 'X-RAY DIFFRACTION' ? 
n_phos_bond_angle_d    ?     ? ? ? 'X-RAY DIFFRACTION' ? 
n_plane_restr          ?     ? ? ? 'X-RAY DIFFRACTION' ? 
n_chiral_restr         ?     ? ? ? 'X-RAY DIFFRACTION' ? 
n_singtor_nbd          ?     ? ? ? 'X-RAY DIFFRACTION' ? 
n_multtor_nbd          ?     ? ? ? 'X-RAY DIFFRACTION' ? 
n_xhyhbond_nbd         ?     ? ? ? 'X-RAY DIFFRACTION' ? 
# 
_struct.entry_id                  277D 
_struct.title                     
;SUBSTITUTIONS AT C2' OF DAUNOSAMINE IN THE ANTICANCER DAUNORUBICIN ALTER ITS DNA-BINDING SEQUENCE SPECIFICITY
;
_struct.pdbx_model_details        ? 
_struct.pdbx_CASP_flag            ? 
_struct.pdbx_model_type_details   ? 
# 
_struct_keywords.entry_id        277D 
_struct_keywords.pdbx_keywords   DNA 
_struct_keywords.text            'RIGHT HANDED DNA, DOUBLE HELIX, COMPLEXED WITH DRUG, MODIFIED, DNA' 
# 
loop_
_struct_asym.id 
_struct_asym.pdbx_blank_PDB_chainid_flag 
_struct_asym.pdbx_modified 
_struct_asym.entity_id 
_struct_asym.details 
A N N 1 ? 
B N N 2 ? 
C N N 3 ? 
# 
_struct_ref.id                         1 
_struct_ref.entity_id                  1 
_struct_ref.db_name                    PDB 
_struct_ref.db_code                    277D 
_struct_ref.pdbx_db_accession          277D 
_struct_ref.pdbx_db_isoform            ? 
_struct_ref.pdbx_seq_one_letter_code   ? 
_struct_ref.pdbx_align_begin           ? 
# 
_struct_ref_seq.align_id                      1 
_struct_ref_seq.ref_id                        1 
_struct_ref_seq.pdbx_PDB_id_code              277D 
_struct_ref_seq.pdbx_strand_id                A 
_struct_ref_seq.seq_align_beg                 1 
_struct_ref_seq.pdbx_seq_align_beg_ins_code   ? 
_struct_ref_seq.seq_align_end                 6 
_struct_ref_seq.pdbx_seq_align_end_ins_code   ? 
_struct_ref_seq.pdbx_db_accession             277D 
_struct_ref_seq.db_align_beg                  1 
_struct_ref_seq.pdbx_db_align_beg_ins_code    ? 
_struct_ref_seq.db_align_end                  6 
_struct_ref_seq.pdbx_db_align_end_ins_code    ? 
_struct_ref_seq.pdbx_auth_seq_align_beg       1 
_struct_ref_seq.pdbx_auth_seq_align_end       6 
# 
_pdbx_struct_assembly.id                   1 
_pdbx_struct_assembly.details              author_defined_assembly 
_pdbx_struct_assembly.method_details       ? 
_pdbx_struct_assembly.oligomeric_details   dimeric 
_pdbx_struct_assembly.oligomeric_count     2 
# 
_pdbx_struct_assembly_gen.assembly_id       1 
_pdbx_struct_assembly_gen.oper_expression   1,2 
_pdbx_struct_assembly_gen.asym_id_list      A,B,C 
# 
loop_
_pdbx_struct_oper_list.id 
_pdbx_struct_oper_list.type 
_pdbx_struct_oper_list.name 
_pdbx_struct_oper_list.symmetry_operation 
_pdbx_struct_oper_list.matrix[1][1] 
_pdbx_struct_oper_list.matrix[1][2] 
_pdbx_struct_oper_list.matrix[1][3] 
_pdbx_struct_oper_list.vector[1] 
_pdbx_struct_oper_list.matrix[2][1] 
_pdbx_struct_oper_list.matrix[2][2] 
_pdbx_struct_oper_list.matrix[2][3] 
_pdbx_struct_oper_list.vector[2] 
_pdbx_struct_oper_list.matrix[3][1] 
_pdbx_struct_oper_list.matrix[3][2] 
_pdbx_struct_oper_list.matrix[3][3] 
_pdbx_struct_oper_list.vector[3] 
1 'identity operation'         1_555 x,y,z            1.0000000000 0.0000000000  0.0000000000 0.0000000000  0.0000000000  1.0000000000  0.0000000000  0.0000000000  0.0000000000 0.0000000000  1.0000000000  0.0000000000 
2 'crystal symmetry operation' 8_665 -y+1,-x+1,-z+1/2 0.9586689519 -0.2291427582 0.1686636801 -0.8514278376 -0.2291427582 -0.9731928136 -0.0197317984 -4.7630973428 0.1686636801 -0.0197317984 -0.9854761383 3.4164795136 
# 
_struct_biol.id                    1 
_struct_biol.pdbx_parent_biol_id   ? 
_struct_biol.details               ? 
# 
loop_
_struct_conn.id 
_struct_conn.conn_type_id 
_struct_conn.pdbx_leaving_atom_flag 
_struct_conn.pdbx_PDB_id 
_struct_conn.ptnr1_label_asym_id 
_struct_conn.ptnr1_label_comp_id 
_struct_conn.ptnr1_label_seq_id 
_struct_conn.ptnr1_label_atom_id 
_struct_conn.pdbx_ptnr1_label_alt_id 
_struct_conn.pdbx_ptnr1_PDB_ins_code 
_struct_conn.pdbx_ptnr1_standard_comp_id 
_struct_conn.ptnr1_symmetry 
_struct_conn.ptnr2_label_asym_id 
_struct_conn.ptnr2_label_comp_id 
_struct_conn.ptnr2_label_seq_id 
_struct_conn.ptnr2_label_atom_id 
_struct_conn.pdbx_ptnr2_label_alt_id 
_struct_conn.pdbx_ptnr2_PDB_ins_code 
_struct_conn.ptnr1_auth_asym_id 
_struct_conn.ptnr1_auth_comp_id 
_struct_conn.ptnr1_auth_seq_id 
_struct_conn.ptnr2_auth_asym_id 
_struct_conn.ptnr2_auth_comp_id 
_struct_conn.ptnr2_auth_seq_id 
_struct_conn.ptnr2_symmetry 
_struct_conn.pdbx_ptnr3_label_atom_id 
_struct_conn.pdbx_ptnr3_label_seq_id 
_struct_conn.pdbx_ptnr3_label_comp_id 
_struct_conn.pdbx_ptnr3_label_asym_id 
_struct_conn.pdbx_ptnr3_label_alt_id 
_struct_conn.pdbx_ptnr3_PDB_ins_code 
_struct_conn.details 
_struct_conn.pdbx_dist_value 
_struct_conn.pdbx_value_order 
_struct_conn.pdbx_role 
covale1  covale both ? A DC  3 "O3'" ? ? ? 1_555 A G49 4 P     ? ? A DC  3 A G49 4 1_555 ? ? ? ? ? ? ?            1.713 ? ? 
covale2  covale one  ? A G49 4 "O3'" ? ? ? 1_555 A DC  5 P     ? ? A G49 4 A DC  5 1_555 ? ? ? ? ? ? ?            1.609 ? ? 
covale3  covale none ? A G49 4 CM2   ? ? ? 1_555 B DM8 . "N3'" ? ? A G49 4 A DM8 7 1_555 ? ? ? ? ? ? ?            1.461 ? ? 
hydrog1  hydrog ?    ? A DC  1 N3    ? ? ? 1_555 A DG  6 N1    ? ? A DC  1 A DG  6 8_665 ? ? ? ? ? ? WATSON-CRICK ?     ? ? 
hydrog2  hydrog ?    ? A DC  1 N4    ? ? ? 1_555 A DG  6 O6    ? ? A DC  1 A DG  6 8_665 ? ? ? ? ? ? WATSON-CRICK ?     ? ? 
hydrog3  hydrog ?    ? A DC  1 O2    ? ? ? 1_555 A DG  6 N2    ? ? A DC  1 A DG  6 8_665 ? ? ? ? ? ? WATSON-CRICK ?     ? ? 
hydrog4  hydrog ?    ? A DG  2 N1    ? ? ? 1_555 A DC  5 N3    ? ? A DG  2 A DC  5 8_665 ? ? ? ? ? ? WATSON-CRICK ?     ? ? 
hydrog5  hydrog ?    ? A DG  2 N2    ? ? ? 1_555 A DC  5 O2    ? ? A DG  2 A DC  5 8_665 ? ? ? ? ? ? WATSON-CRICK ?     ? ? 
hydrog6  hydrog ?    ? A DG  2 O6    ? ? ? 1_555 A DC  5 N4    ? ? A DG  2 A DC  5 8_665 ? ? ? ? ? ? WATSON-CRICK ?     ? ? 
hydrog7  hydrog ?    ? A DC  3 N3    ? ? ? 1_555 A G49 4 N1    ? ? A DC  3 A G49 4 8_665 ? ? ? ? ? ? WATSON-CRICK ?     ? ? 
hydrog8  hydrog ?    ? A DC  3 N4    ? ? ? 1_555 A G49 4 O6    ? ? A DC  3 A G49 4 8_665 ? ? ? ? ? ? WATSON-CRICK ?     ? ? 
hydrog9  hydrog ?    ? A DC  3 O2    ? ? ? 1_555 A G49 4 N2    ? ? A DC  3 A G49 4 8_665 ? ? ? ? ? ? WATSON-CRICK ?     ? ? 
hydrog10 hydrog ?    ? A G49 4 N1    ? ? ? 1_555 A DC  3 N3    ? ? A G49 4 A DC  3 8_665 ? ? ? ? ? ? WATSON-CRICK ?     ? ? 
hydrog11 hydrog ?    ? A G49 4 N2    ? ? ? 1_555 A DC  3 O2    ? ? A G49 4 A DC  3 8_665 ? ? ? ? ? ? WATSON-CRICK ?     ? ? 
hydrog12 hydrog ?    ? A G49 4 O6    ? ? ? 1_555 A DC  3 N4    ? ? A G49 4 A DC  3 8_665 ? ? ? ? ? ? WATSON-CRICK ?     ? ? 
hydrog13 hydrog ?    ? A DC  5 N3    ? ? ? 1_555 A DG  2 N1    ? ? A DC  5 A DG  2 8_665 ? ? ? ? ? ? WATSON-CRICK ?     ? ? 
hydrog14 hydrog ?    ? A DC  5 N4    ? ? ? 1_555 A DG  2 O6    ? ? A DC  5 A DG  2 8_665 ? ? ? ? ? ? WATSON-CRICK ?     ? ? 
hydrog15 hydrog ?    ? A DC  5 O2    ? ? ? 1_555 A DG  2 N2    ? ? A DC  5 A DG  2 8_665 ? ? ? ? ? ? WATSON-CRICK ?     ? ? 
hydrog16 hydrog ?    ? A DG  6 N1    ? ? ? 1_555 A DC  1 N3    ? ? A DG  6 A DC  1 8_665 ? ? ? ? ? ? WATSON-CRICK ?     ? ? 
hydrog17 hydrog ?    ? A DG  6 N2    ? ? ? 1_555 A DC  1 O2    ? ? A DG  6 A DC  1 8_665 ? ? ? ? ? ? WATSON-CRICK ?     ? ? 
hydrog18 hydrog ?    ? A DG  6 O6    ? ? ? 1_555 A DC  1 N4    ? ? A DG  6 A DC  1 8_665 ? ? ? ? ? ? WATSON-CRICK ?     ? ? 
# 
loop_
_struct_conn_type.id 
_struct_conn_type.criteria 
_struct_conn_type.reference 
covale ? ? 
hydrog ? ? 
# 
loop_
_struct_site.id 
_struct_site.pdbx_evidence_code 
_struct_site.pdbx_auth_asym_id 
_struct_site.pdbx_auth_comp_id 
_struct_site.pdbx_auth_seq_id 
_struct_site.pdbx_auth_ins_code 
_struct_site.pdbx_num_residues 
_struct_site.details 
AC1                 Software A DM8 7 ? 10 'BINDING SITE FOR RESIDUE DM8 A 7' 
'DRUG BINDING SITE' ?        ? ?   ? ? ?  ?                                  
# 
loop_
_struct_site_gen.id 
_struct_site_gen.site_id 
_struct_site_gen.pdbx_num_res 
_struct_site_gen.label_comp_id 
_struct_site_gen.label_asym_id 
_struct_site_gen.label_seq_id 
_struct_site_gen.pdbx_auth_ins_code 
_struct_site_gen.auth_comp_id 
_struct_site_gen.auth_asym_id 
_struct_site_gen.auth_seq_id 
_struct_site_gen.label_atom_id 
_struct_site_gen.label_alt_id 
_struct_site_gen.symmetry 
_struct_site_gen.details 
1  AC1 10 DC  A 1 ? DC  A 1  . ? 8_665 ? 
2  AC1 10 DG  A 2 ? DG  A 2  . ? 8_665 ? 
3  AC1 10 DC  A 3 ? DC  A 3  . ? 8_665 ? 
4  AC1 10 G49 A 4 ? G49 A 4  . ? 8_665 ? 
5  AC1 10 G49 A 4 ? G49 A 4  . ? 1_555 ? 
6  AC1 10 DC  A 5 ? DC  A 5  . ? 1_555 ? 
7  AC1 10 DG  A 6 ? DG  A 6  . ? 1_555 ? 
8  AC1 10 HOH C . ? HOH A 19 . ? 1_555 ? 
9  AC1 10 HOH C . ? HOH A 28 . ? 1_555 ? 
10 AC1 10 HOH C . ? HOH A 35 . ? 1_555 ? 
# 
loop_
_pdbx_validate_rmsd_bond.id 
_pdbx_validate_rmsd_bond.PDB_model_num 
_pdbx_validate_rmsd_bond.auth_atom_id_1 
_pdbx_validate_rmsd_bond.auth_asym_id_1 
_pdbx_validate_rmsd_bond.auth_comp_id_1 
_pdbx_validate_rmsd_bond.auth_seq_id_1 
_pdbx_validate_rmsd_bond.PDB_ins_code_1 
_pdbx_validate_rmsd_bond.label_alt_id_1 
_pdbx_validate_rmsd_bond.auth_atom_id_2 
_pdbx_validate_rmsd_bond.auth_asym_id_2 
_pdbx_validate_rmsd_bond.auth_comp_id_2 
_pdbx_validate_rmsd_bond.auth_seq_id_2 
_pdbx_validate_rmsd_bond.PDB_ins_code_2 
_pdbx_validate_rmsd_bond.label_alt_id_2 
_pdbx_validate_rmsd_bond.bond_value 
_pdbx_validate_rmsd_bond.bond_target_value 
_pdbx_validate_rmsd_bond.bond_deviation 
_pdbx_validate_rmsd_bond.bond_standard_deviation 
_pdbx_validate_rmsd_bond.linker_flag 
1 1 "O4'" A DG 2 ? ? "C4'" A DG  2 ? ? 1.382 1.446 -0.064 0.010 N 
2 1 C6    A DG 2 ? ? N1    A DG  2 ? ? 1.345 1.391 -0.046 0.007 N 
3 1 "O4'" A DC 3 ? ? "C1'" A DC  3 ? ? 1.487 1.420 0.067  0.011 N 
4 1 "O3'" A DC 3 ? ? P     A G49 4 ? ? 1.713 1.607 0.106  0.012 Y 
# 
loop_
_pdbx_validate_rmsd_angle.id 
_pdbx_validate_rmsd_angle.PDB_model_num 
_pdbx_validate_rmsd_angle.auth_atom_id_1 
_pdbx_validate_rmsd_angle.auth_asym_id_1 
_pdbx_validate_rmsd_angle.auth_comp_id_1 
_pdbx_validate_rmsd_angle.auth_seq_id_1 
_pdbx_validate_rmsd_angle.PDB_ins_code_1 
_pdbx_validate_rmsd_angle.label_alt_id_1 
_pdbx_validate_rmsd_angle.auth_atom_id_2 
_pdbx_validate_rmsd_angle.auth_asym_id_2 
_pdbx_validate_rmsd_angle.auth_comp_id_2 
_pdbx_validate_rmsd_angle.auth_seq_id_2 
_pdbx_validate_rmsd_angle.PDB_ins_code_2 
_pdbx_validate_rmsd_angle.label_alt_id_2 
_pdbx_validate_rmsd_angle.auth_atom_id_3 
_pdbx_validate_rmsd_angle.auth_asym_id_3 
_pdbx_validate_rmsd_angle.auth_comp_id_3 
_pdbx_validate_rmsd_angle.auth_seq_id_3 
_pdbx_validate_rmsd_angle.PDB_ins_code_3 
_pdbx_validate_rmsd_angle.label_alt_id_3 
_pdbx_validate_rmsd_angle.angle_value 
_pdbx_validate_rmsd_angle.angle_target_value 
_pdbx_validate_rmsd_angle.angle_deviation 
_pdbx_validate_rmsd_angle.angle_standard_deviation 
_pdbx_validate_rmsd_angle.linker_flag 
1  1 C2    A DC  1 ? ? N3    A DC  1 ? ? C4    A DC 1 ? ? 124.55 119.90 4.65   0.50 N 
2  1 N1    A DC  1 ? ? C2    A DC  1 ? ? O2    A DC 1 ? ? 114.10 118.90 -4.80  0.60 N 
3  1 N3    A DC  1 ? ? C2    A DC  1 ? ? O2    A DC 1 ? ? 130.38 121.90 8.48   0.70 N 
4  1 N3    A DC  1 ? ? C4    A DC  1 ? ? N4    A DC 1 ? ? 122.59 118.00 4.59   0.70 N 
5  1 "C3'" A DC  1 ? ? "O3'" A DC  1 ? ? P     A DG 2 ? ? 132.28 119.70 12.58  1.20 Y 
6  1 "O5'" A DG  2 ? ? "C5'" A DG  2 ? ? "C4'" A DG 2 ? ? 101.75 109.40 -7.65  0.80 N 
7  1 "C3'" A DG  2 ? ? "C2'" A DG  2 ? ? "C1'" A DG 2 ? ? 95.76  102.40 -6.64  0.80 N 
8  1 "O4'" A DG  2 ? ? "C1'" A DG  2 ? ? N9    A DG 2 ? ? 110.24 108.30 1.94   0.30 N 
9  1 "O3'" A DG  2 ? ? P     A DC  3 ? ? OP2   A DC 3 ? ? 90.31  105.20 -14.89 2.20 Y 
10 1 "O3'" A DG  2 ? ? P     A DC  3 ? ? OP1   A DC 3 ? ? 124.46 110.50 13.96  1.10 Y 
11 1 P     A DC  3 ? ? "O5'" A DC  3 ? ? "C5'" A DC 3 ? ? 134.85 120.90 13.95  1.60 N 
12 1 C2    A DC  3 ? ? N3    A DC  3 ? ? C4    A DC 3 ? ? 124.37 119.90 4.47   0.50 N 
13 1 N3    A DC  3 ? ? C4    A DC  3 ? ? C5    A DC 3 ? ? 119.45 121.90 -2.45  0.40 N 
14 1 C5    A DC  3 ? ? C6    A DC  3 ? ? N1    A DC 3 ? ? 125.02 121.00 4.02   0.50 N 
15 1 "C3'" A G49 4 ? ? "O3'" A G49 4 ? ? P     A DC 5 ? ? 128.15 119.70 8.45   1.20 Y 
16 1 "C3'" A DC  5 ? ? "C2'" A DC  5 ? ? "C1'" A DC 5 ? ? 96.82  102.40 -5.58  0.80 N 
17 1 "O4'" A DC  5 ? ? "C1'" A DC  5 ? ? N1    A DC 5 ? ? 118.32 108.30 10.02  0.30 N 
18 1 "O5'" A DG  6 ? ? P     A DG  6 ? ? OP1   A DG 6 ? ? 99.37  105.70 -6.33  0.90 N 
19 1 "O4'" A DG  6 ? ? "C4'" A DG  6 ? ? "C3'" A DG 6 ? ? 100.04 104.50 -4.46  0.40 N 
20 1 "O4'" A DG  6 ? ? "C1'" A DG  6 ? ? N9    A DG 6 ? ? 112.81 108.30 4.51   0.30 N 
# 
_pdbx_struct_mod_residue.id               1 
_pdbx_struct_mod_residue.label_asym_id    A 
_pdbx_struct_mod_residue.label_comp_id    G49 
_pdbx_struct_mod_residue.label_seq_id     4 
_pdbx_struct_mod_residue.auth_asym_id     A 
_pdbx_struct_mod_residue.auth_comp_id     G49 
_pdbx_struct_mod_residue.auth_seq_id      4 
_pdbx_struct_mod_residue.PDB_ins_code     ? 
_pdbx_struct_mod_residue.parent_comp_id   DG 
_pdbx_struct_mod_residue.details          ? 
# 
_struct_site_keywords.site_id   'DRUG BINDING SITE' 
_struct_site_keywords.text      INTERCALATION 
# 
loop_
_chem_comp_atom.comp_id 
_chem_comp_atom.atom_id 
_chem_comp_atom.type_symbol 
_chem_comp_atom.pdbx_aromatic_flag 
_chem_comp_atom.pdbx_stereo_config 
_chem_comp_atom.pdbx_ordinal 
DC  OP3    O  N N 1   
DC  P      P  N N 2   
DC  OP1    O  N N 3   
DC  OP2    O  N N 4   
DC  "O5'"  O  N N 5   
DC  "C5'"  C  N N 6   
DC  "C4'"  C  N R 7   
DC  "O4'"  O  N N 8   
DC  "C3'"  C  N S 9   
DC  "O3'"  O  N N 10  
DC  "C2'"  C  N N 11  
DC  "C1'"  C  N R 12  
DC  N1     N  N N 13  
DC  C2     C  N N 14  
DC  O2     O  N N 15  
DC  N3     N  N N 16  
DC  C4     C  N N 17  
DC  N4     N  N N 18  
DC  C5     C  N N 19  
DC  C6     C  N N 20  
DC  HOP3   H  N N 21  
DC  HOP2   H  N N 22  
DC  "H5'"  H  N N 23  
DC  "H5''" H  N N 24  
DC  "H4'"  H  N N 25  
DC  "H3'"  H  N N 26  
DC  "HO3'" H  N N 27  
DC  "H2'"  H  N N 28  
DC  "H2''" H  N N 29  
DC  "H1'"  H  N N 30  
DC  H41    H  N N 31  
DC  H42    H  N N 32  
DC  H5     H  N N 33  
DC  H6     H  N N 34  
DG  OP3    O  N N 35  
DG  P      P  N N 36  
DG  OP1    O  N N 37  
DG  OP2    O  N N 38  
DG  "O5'"  O  N N 39  
DG  "C5'"  C  N N 40  
DG  "C4'"  C  N R 41  
DG  "O4'"  O  N N 42  
DG  "C3'"  C  N S 43  
DG  "O3'"  O  N N 44  
DG  "C2'"  C  N N 45  
DG  "C1'"  C  N R 46  
DG  N9     N  Y N 47  
DG  C8     C  Y N 48  
DG  N7     N  Y N 49  
DG  C5     C  Y N 50  
DG  C6     C  N N 51  
DG  O6     O  N N 52  
DG  N1     N  N N 53  
DG  C2     C  N N 54  
DG  N2     N  N N 55  
DG  N3     N  N N 56  
DG  C4     C  Y N 57  
DG  HOP3   H  N N 58  
DG  HOP2   H  N N 59  
DG  "H5'"  H  N N 60  
DG  "H5''" H  N N 61  
DG  "H4'"  H  N N 62  
DG  "H3'"  H  N N 63  
DG  "HO3'" H  N N 64  
DG  "H2'"  H  N N 65  
DG  "H2''" H  N N 66  
DG  "H1'"  H  N N 67  
DG  H8     H  N N 68  
DG  H1     H  N N 69  
DG  H21    H  N N 70  
DG  H22    H  N N 71  
DM8 C1     C  Y N 72  
DM8 C2     C  Y N 73  
DM8 C3     C  Y N 74  
DM8 C4     C  Y N 75  
DM8 C5     C  N N 76  
DM8 C6     C  Y N 77  
DM8 C7     C  N S 78  
DM8 C8     C  N N 79  
DM8 C9     C  N S 80  
DM8 C10    C  N N 81  
DM8 C11    C  Y N 82  
DM8 C12    C  N N 83  
DM8 C13    C  N N 84  
DM8 C14    C  N N 85  
DM8 C15    C  Y N 86  
DM8 C16    C  Y N 87  
DM8 C17    C  Y N 88  
DM8 C18    C  Y N 89  
DM8 C19    C  Y N 90  
DM8 C20    C  Y N 91  
DM8 C21    C  N N 92  
DM8 O4     O  N N 93  
DM8 O5     O  N N 94  
DM8 O6     O  N N 95  
DM8 O7     O  N N 96  
DM8 O9     O  N N 97  
DM8 O11    O  N N 98  
DM8 O12    O  N N 99  
DM8 O13    O  N N 100 
DM8 "C1'"  C  N R 101 
DM8 "C2'"  C  N R 102 
DM8 "C3'"  C  N R 103 
DM8 "C4'"  C  N R 104 
DM8 "C5'"  C  N S 105 
DM8 "C6'"  C  N N 106 
DM8 "O5'"  O  N N 107 
DM8 "O4'"  O  N N 108 
DM8 "N3'"  N  N N 109 
DM8 BR     BR N N 110 
DM8 H1     H  N N 111 
DM8 H2     H  N N 112 
DM8 H3     H  N N 113 
DM8 H7     H  N N 114 
DM8 H81    H  N N 115 
DM8 H82    H  N N 116 
DM8 H101   H  N N 117 
DM8 H102   H  N N 118 
DM8 H141   H  N N 119 
DM8 H142   H  N N 120 
DM8 H143   H  N N 121 
DM8 H211   H  N N 122 
DM8 H212   H  N N 123 
DM8 H213   H  N N 124 
DM8 H6     H  N N 125 
DM8 H9     H  N N 126 
DM8 H11    H  N N 127 
DM8 "H1'"  H  N N 128 
DM8 "H2'"  H  N N 129 
DM8 "H3'"  H  N N 130 
DM8 "H4'"  H  N N 131 
DM8 "H5'"  H  N N 132 
DM8 "H6'1" H  N N 133 
DM8 "H6'2" H  N N 134 
DM8 "H6'3" H  N N 135 
DM8 "HO4'" H  N N 136 
DM8 "HN'1" H  N N 137 
DM8 "HN'2" H  N N 138 
G49 P      P  N N 139 
G49 O1P    O  N N 140 
G49 O2P    O  N N 141 
G49 O3P    O  N N 142 
G49 "O5'"  O  N N 143 
G49 "C5'"  C  N N 144 
G49 "C4'"  C  N R 145 
G49 "O4'"  O  N N 146 
G49 "C3'"  C  N S 147 
G49 "O3'"  O  N N 148 
G49 "C2'"  C  N N 149 
G49 "C1'"  C  N R 150 
G49 N9     N  Y N 151 
G49 C8     C  Y N 152 
G49 N7     N  Y N 153 
G49 C5     C  Y N 154 
G49 C6     C  N N 155 
G49 O6     O  N N 156 
G49 N1     N  N N 157 
G49 C2     C  N N 158 
G49 N2     N  N N 159 
G49 CM2    C  N N 160 
G49 N3     N  N N 161 
G49 C4     C  Y N 162 
G49 H2P    H  N N 163 
G49 H3P    H  N N 164 
G49 "H5'1" H  N N 165 
G49 "H5'2" H  N N 166 
G49 "H4'"  H  N N 167 
G49 "H3'"  H  N N 168 
G49 HA     H  N N 169 
G49 "H2'1" H  N N 170 
G49 "H2'2" H  N N 171 
G49 "H1'"  H  N N 172 
G49 H8     H  N N 173 
G49 H1     H  N N 174 
G49 H2     H  N N 175 
G49 HM21   H  N N 176 
G49 HM22   H  N N 177 
G49 HM23   H  N N 178 
HOH O      O  N N 179 
HOH H1     H  N N 180 
HOH H2     H  N N 181 
# 
loop_
_chem_comp_bond.comp_id 
_chem_comp_bond.atom_id_1 
_chem_comp_bond.atom_id_2 
_chem_comp_bond.value_order 
_chem_comp_bond.pdbx_aromatic_flag 
_chem_comp_bond.pdbx_stereo_config 
_chem_comp_bond.pdbx_ordinal 
DC  OP3   P      sing N N 1   
DC  OP3   HOP3   sing N N 2   
DC  P     OP1    doub N N 3   
DC  P     OP2    sing N N 4   
DC  P     "O5'"  sing N N 5   
DC  OP2   HOP2   sing N N 6   
DC  "O5'" "C5'"  sing N N 7   
DC  "C5'" "C4'"  sing N N 8   
DC  "C5'" "H5'"  sing N N 9   
DC  "C5'" "H5''" sing N N 10  
DC  "C4'" "O4'"  sing N N 11  
DC  "C4'" "C3'"  sing N N 12  
DC  "C4'" "H4'"  sing N N 13  
DC  "O4'" "C1'"  sing N N 14  
DC  "C3'" "O3'"  sing N N 15  
DC  "C3'" "C2'"  sing N N 16  
DC  "C3'" "H3'"  sing N N 17  
DC  "O3'" "HO3'" sing N N 18  
DC  "C2'" "C1'"  sing N N 19  
DC  "C2'" "H2'"  sing N N 20  
DC  "C2'" "H2''" sing N N 21  
DC  "C1'" N1     sing N N 22  
DC  "C1'" "H1'"  sing N N 23  
DC  N1    C2     sing N N 24  
DC  N1    C6     sing N N 25  
DC  C2    O2     doub N N 26  
DC  C2    N3     sing N N 27  
DC  N3    C4     doub N N 28  
DC  C4    N4     sing N N 29  
DC  C4    C5     sing N N 30  
DC  N4    H41    sing N N 31  
DC  N4    H42    sing N N 32  
DC  C5    C6     doub N N 33  
DC  C5    H5     sing N N 34  
DC  C6    H6     sing N N 35  
DG  OP3   P      sing N N 36  
DG  OP3   HOP3   sing N N 37  
DG  P     OP1    doub N N 38  
DG  P     OP2    sing N N 39  
DG  P     "O5'"  sing N N 40  
DG  OP2   HOP2   sing N N 41  
DG  "O5'" "C5'"  sing N N 42  
DG  "C5'" "C4'"  sing N N 43  
DG  "C5'" "H5'"  sing N N 44  
DG  "C5'" "H5''" sing N N 45  
DG  "C4'" "O4'"  sing N N 46  
DG  "C4'" "C3'"  sing N N 47  
DG  "C4'" "H4'"  sing N N 48  
DG  "O4'" "C1'"  sing N N 49  
DG  "C3'" "O3'"  sing N N 50  
DG  "C3'" "C2'"  sing N N 51  
DG  "C3'" "H3'"  sing N N 52  
DG  "O3'" "HO3'" sing N N 53  
DG  "C2'" "C1'"  sing N N 54  
DG  "C2'" "H2'"  sing N N 55  
DG  "C2'" "H2''" sing N N 56  
DG  "C1'" N9     sing N N 57  
DG  "C1'" "H1'"  sing N N 58  
DG  N9    C8     sing Y N 59  
DG  N9    C4     sing Y N 60  
DG  C8    N7     doub Y N 61  
DG  C8    H8     sing N N 62  
DG  N7    C5     sing Y N 63  
DG  C5    C6     sing N N 64  
DG  C5    C4     doub Y N 65  
DG  C6    O6     doub N N 66  
DG  C6    N1     sing N N 67  
DG  N1    C2     sing N N 68  
DG  N1    H1     sing N N 69  
DG  C2    N2     sing N N 70  
DG  C2    N3     doub N N 71  
DG  N2    H21    sing N N 72  
DG  N2    H22    sing N N 73  
DG  N3    C4     sing N N 74  
DM8 C1    C2     doub Y N 75  
DM8 C1    C15    sing Y N 76  
DM8 C1    H1     sing N N 77  
DM8 C2    C3     sing Y N 78  
DM8 C2    H2     sing N N 79  
DM8 C3    C4     doub Y N 80  
DM8 C3    H3     sing N N 81  
DM8 C4    C16    sing Y N 82  
DM8 C4    O4     sing N N 83  
DM8 C5    C16    sing N N 84  
DM8 C5    C17    sing N N 85  
DM8 C5    O5     doub N N 86  
DM8 C6    C17    doub Y N 87  
DM8 C6    C20    sing Y N 88  
DM8 C6    O6     sing N N 89  
DM8 C7    C8     sing N N 90  
DM8 C7    C20    sing N N 91  
DM8 C7    O7     sing N N 92  
DM8 C7    H7     sing N N 93  
DM8 C8    C9     sing N N 94  
DM8 C8    H81    sing N N 95  
DM8 C8    H82    sing N N 96  
DM8 C9    C10    sing N N 97  
DM8 C9    C13    sing N N 98  
DM8 C9    O9     sing N N 99  
DM8 C10   C19    sing N N 100 
DM8 C10   H101   sing N N 101 
DM8 C10   H102   sing N N 102 
DM8 C11   C18    doub Y N 103 
DM8 C11   C19    sing Y N 104 
DM8 C11   O11    sing N N 105 
DM8 C12   C15    sing N N 106 
DM8 C12   C18    sing N N 107 
DM8 C12   O12    doub N N 108 
DM8 C13   C14    sing N N 109 
DM8 C13   O13    doub N N 110 
DM8 C14   H141   sing N N 111 
DM8 C14   H142   sing N N 112 
DM8 C14   H143   sing N N 113 
DM8 C15   C16    doub Y N 114 
DM8 C17   C18    sing Y N 115 
DM8 C19   C20    doub Y N 116 
DM8 C21   O4     sing N N 117 
DM8 C21   H211   sing N N 118 
DM8 C21   H212   sing N N 119 
DM8 C21   H213   sing N N 120 
DM8 O6    H6     sing N N 121 
DM8 O7    "C1'"  sing N N 122 
DM8 O9    H9     sing N N 123 
DM8 O11   H11    sing N N 124 
DM8 "C1'" "C2'"  sing N N 125 
DM8 "C1'" "O5'"  sing N N 126 
DM8 "C1'" "H1'"  sing N N 127 
DM8 "C2'" "C3'"  sing N N 128 
DM8 "C2'" BR     sing N N 129 
DM8 "C2'" "H2'"  sing N N 130 
DM8 "C3'" "C4'"  sing N N 131 
DM8 "C3'" "N3'"  sing N N 132 
DM8 "C3'" "H3'"  sing N N 133 
DM8 "C4'" "C5'"  sing N N 134 
DM8 "C4'" "O4'"  sing N N 135 
DM8 "C4'" "H4'"  sing N N 136 
DM8 "C5'" "C6'"  sing N N 137 
DM8 "C5'" "O5'"  sing N N 138 
DM8 "C5'" "H5'"  sing N N 139 
DM8 "C6'" "H6'1" sing N N 140 
DM8 "C6'" "H6'2" sing N N 141 
DM8 "C6'" "H6'3" sing N N 142 
DM8 "O4'" "HO4'" sing N N 143 
DM8 "N3'" "HN'1" sing N N 144 
DM8 "N3'" "HN'2" sing N N 145 
G49 P     O1P    doub N N 146 
G49 P     O2P    sing N N 147 
G49 P     O3P    sing N N 148 
G49 P     "O5'"  sing N N 149 
G49 O2P   H2P    sing N N 150 
G49 O3P   H3P    sing N N 151 
G49 "O5'" "C5'"  sing N N 152 
G49 "C5'" "C4'"  sing N N 153 
G49 "C5'" "H5'1" sing N N 154 
G49 "C5'" "H5'2" sing N N 155 
G49 "C4'" "O4'"  sing N N 156 
G49 "C4'" "C3'"  sing N N 157 
G49 "C4'" "H4'"  sing N N 158 
G49 "O4'" "C1'"  sing N N 159 
G49 "C3'" "O3'"  sing N N 160 
G49 "C3'" "C2'"  sing N N 161 
G49 "C3'" "H3'"  sing N N 162 
G49 "O3'" HA     sing N N 163 
G49 "C2'" "C1'"  sing N N 164 
G49 "C2'" "H2'1" sing N N 165 
G49 "C2'" "H2'2" sing N N 166 
G49 "C1'" N9     sing N N 167 
G49 "C1'" "H1'"  sing N N 168 
G49 N9    C8     sing Y N 169 
G49 N9    C4     sing Y N 170 
G49 C8    N7     doub Y N 171 
G49 C8    H8     sing N N 172 
G49 N7    C5     sing Y N 173 
G49 C5    C6     sing N N 174 
G49 C5    C4     doub Y N 175 
G49 C6    O6     doub N N 176 
G49 C6    N1     sing N N 177 
G49 N1    C2     sing N N 178 
G49 N1    H1     sing N N 179 
G49 C2    N2     sing N N 180 
G49 C2    N3     doub N N 181 
G49 N2    CM2    sing N N 182 
G49 N2    H2     sing N N 183 
G49 CM2   HM21   sing N N 184 
G49 CM2   HM22   sing N N 185 
G49 CM2   HM23   sing N N 186 
G49 N3    C4     sing N N 187 
HOH O     H1     sing N N 188 
HOH O     H2     sing N N 189 
# 
loop_
_ndb_struct_conf_na.entry_id 
_ndb_struct_conf_na.feature 
277D 'double helix'        
277D 'b-form double helix' 
# 
loop_
_ndb_struct_na_base_pair.model_number 
_ndb_struct_na_base_pair.i_label_asym_id 
_ndb_struct_na_base_pair.i_label_comp_id 
_ndb_struct_na_base_pair.i_label_seq_id 
_ndb_struct_na_base_pair.i_symmetry 
_ndb_struct_na_base_pair.j_label_asym_id 
_ndb_struct_na_base_pair.j_label_comp_id 
_ndb_struct_na_base_pair.j_label_seq_id 
_ndb_struct_na_base_pair.j_symmetry 
_ndb_struct_na_base_pair.shear 
_ndb_struct_na_base_pair.stretch 
_ndb_struct_na_base_pair.stagger 
_ndb_struct_na_base_pair.buckle 
_ndb_struct_na_base_pair.propeller 
_ndb_struct_na_base_pair.opening 
_ndb_struct_na_base_pair.pair_number 
_ndb_struct_na_base_pair.pair_name 
_ndb_struct_na_base_pair.i_auth_asym_id 
_ndb_struct_na_base_pair.i_auth_seq_id 
_ndb_struct_na_base_pair.i_PDB_ins_code 
_ndb_struct_na_base_pair.j_auth_asym_id 
_ndb_struct_na_base_pair.j_auth_seq_id 
_ndb_struct_na_base_pair.j_PDB_ins_code 
_ndb_struct_na_base_pair.hbond_type_28 
_ndb_struct_na_base_pair.hbond_type_12 
1 A DC  1 1_555 A DG  6 8_665 0.201  -0.331 -0.280 9.103   2.381   -1.409 1 A_DC1:DG6_A  A 1 ? A 6 ? 19 1 
1 A DG  2 1_555 A DC  5 8_665 -0.110 -0.335 -0.255 -13.336 4.565   -1.037 2 A_DG2:DC5_A  A 2 ? A 5 ? 19 1 
1 A DC  3 1_555 A G49 4 8_665 -0.073 -0.145 0.448  -9.520  -10.385 2.072  3 A_DC3:G494_A A 3 ? A 4 ? 19 1 
1 A G49 4 1_555 A DC  3 8_665 0.073  -0.145 0.448  9.520   -10.385 2.072  4 A_G494:DC3_A A 4 ? A 3 ? 19 1 
1 A DC  5 1_555 A DG  2 8_665 0.110  -0.335 -0.255 13.336  4.565   -1.037 5 A_DC5:DG2_A  A 5 ? A 2 ? 19 1 
1 A DG  6 1_555 A DC  1 8_665 -0.201 -0.331 -0.280 -9.103  2.381   -1.409 6 A_DG6:DC1_A  A 6 ? A 1 ? 19 1 
# 
loop_
_ndb_struct_na_base_pair_step.model_number 
_ndb_struct_na_base_pair_step.i_label_asym_id_1 
_ndb_struct_na_base_pair_step.i_label_comp_id_1 
_ndb_struct_na_base_pair_step.i_label_seq_id_1 
_ndb_struct_na_base_pair_step.i_symmetry_1 
_ndb_struct_na_base_pair_step.j_label_asym_id_1 
_ndb_struct_na_base_pair_step.j_label_comp_id_1 
_ndb_struct_na_base_pair_step.j_label_seq_id_1 
_ndb_struct_na_base_pair_step.j_symmetry_1 
_ndb_struct_na_base_pair_step.i_label_asym_id_2 
_ndb_struct_na_base_pair_step.i_label_comp_id_2 
_ndb_struct_na_base_pair_step.i_label_seq_id_2 
_ndb_struct_na_base_pair_step.i_symmetry_2 
_ndb_struct_na_base_pair_step.j_label_asym_id_2 
_ndb_struct_na_base_pair_step.j_label_comp_id_2 
_ndb_struct_na_base_pair_step.j_label_seq_id_2 
_ndb_struct_na_base_pair_step.j_symmetry_2 
_ndb_struct_na_base_pair_step.shift 
_ndb_struct_na_base_pair_step.slide 
_ndb_struct_na_base_pair_step.rise 
_ndb_struct_na_base_pair_step.tilt 
_ndb_struct_na_base_pair_step.roll 
_ndb_struct_na_base_pair_step.twist 
_ndb_struct_na_base_pair_step.x_displacement 
_ndb_struct_na_base_pair_step.y_displacement 
_ndb_struct_na_base_pair_step.helical_rise 
_ndb_struct_na_base_pair_step.inclination 
_ndb_struct_na_base_pair_step.tip 
_ndb_struct_na_base_pair_step.helical_twist 
_ndb_struct_na_base_pair_step.step_number 
_ndb_struct_na_base_pair_step.step_name 
_ndb_struct_na_base_pair_step.i_auth_asym_id_1 
_ndb_struct_na_base_pair_step.i_auth_seq_id_1 
_ndb_struct_na_base_pair_step.i_PDB_ins_code_1 
_ndb_struct_na_base_pair_step.j_auth_asym_id_1 
_ndb_struct_na_base_pair_step.j_auth_seq_id_1 
_ndb_struct_na_base_pair_step.j_PDB_ins_code_1 
_ndb_struct_na_base_pair_step.i_auth_asym_id_2 
_ndb_struct_na_base_pair_step.i_auth_seq_id_2 
_ndb_struct_na_base_pair_step.i_PDB_ins_code_2 
_ndb_struct_na_base_pair_step.j_auth_asym_id_2 
_ndb_struct_na_base_pair_step.j_auth_seq_id_2 
_ndb_struct_na_base_pair_step.j_PDB_ins_code_2 
1 A DC  1 1_555 A DG  6 8_665 A DG  2 1_555 A DC  5 8_665 1.166  1.375 7.013 -1.527 -3.881 34.261 3.589  -2.466 6.765 -6.558 2.580 
34.507 1 AA_DC1DG2:DC5DG6_AA   A 1 ? A 6 ? A 2 ? A 5 ? 
1 A DG  2 1_555 A DC  5 8_665 A DC  3 1_555 A G49 4 8_665 -1.109 0.044 3.354 -5.674 -3.128 28.880 0.787  0.902  3.480 -6.173 
11.199  29.583 2 AA_DG2DC3:G494DC5_AA  A 2 ? A 5 ? A 3 ? A 4 ? 
1 A DC  3 1_555 A G49 4 8_665 A G49 4 1_555 A DC  3 8_665 0.000  0.417 2.997 0.000  8.626  38.018 -0.348 0.000  3.017 13.036 0.000 
38.949 3 AA_DC3G494:DC3G494_AA A 3 ? A 4 ? A 4 ? A 3 ? 
1 A G49 4 1_555 A DC  3 8_665 A DC  5 1_555 A DG  2 8_665 1.109  0.044 3.354 5.674  -3.128 28.880 0.787  -0.902 3.480 -6.173 
-11.199 29.583 4 AA_G494DC5:DG2DC3_AA  A 4 ? A 3 ? A 5 ? A 2 ? 
1 A DC  5 1_555 A DG  2 8_665 A DG  6 1_555 A DC  1 8_665 -1.166 1.375 7.013 1.527  -3.881 34.261 3.589  2.466  6.765 -6.558 
-2.580  34.507 5 AA_DC5DG6:DC1DG2_AA   A 5 ? A 2 ? A 6 ? A 1 ? 
# 
_atom_sites.entry_id                    277D 
_atom_sites.fract_transf_matrix[1][1]   -0.02242526 
_atom_sites.fract_transf_matrix[1][2]   0.00509469 
_atom_sites.fract_transf_matrix[1][3]   -0.02701030 
_atom_sites.fract_transf_matrix[2][1]   0.02722147 
_atom_sites.fract_transf_matrix[2][2]   -0.00071343 
_atom_sites.fract_transf_matrix[2][3]   -0.02273515 
_atom_sites.fract_transf_matrix[3][1]   -0.00203860 
_atom_sites.fract_transf_matrix[3][2]   -0.01878826 
_atom_sites.fract_transf_matrix[3][3]   -0.00185130 
_atom_sites.fract_transf_vector[1]      0.578769 
_atom_sites.fract_transf_vector[2]      0.518697 
_atom_sites.fract_transf_vector[3]      0.207540 
# 
loop_
_atom_type.symbol 
BR 
C  
N  
O  
P  
# 
loop_
_atom_site.group_PDB 
_atom_site.id 
_atom_site.type_symbol 
_atom_site.label_atom_id 
_atom_site.label_alt_id 
_atom_site.label_comp_id 
_atom_site.label_asym_id 
_atom_site.label_entity_id 
_atom_site.label_seq_id 
_atom_site.pdbx_PDB_ins_code 
_atom_site.Cartn_x 
_atom_site.Cartn_y 
_atom_site.Cartn_z 
_atom_site.occupancy 
_atom_site.B_iso_or_equiv 
_atom_site.pdbx_formal_charge 
_atom_site.auth_seq_id 
_atom_site.auth_comp_id 
_atom_site.auth_asym_id 
_atom_site.auth_atom_id 
_atom_site.pdbx_PDB_model_num 
ATOM   1   O  "O5'" . DC  A 1 1 ? 7.345   -12.750 0.870  1.00 23.15 ? 1  DC  A "O5'" 1 
ATOM   2   C  "C5'" . DC  A 1 1 ? 7.636   -13.659 -0.165 1.00 22.47 ? 1  DC  A "C5'" 1 
ATOM   3   C  "C4'" . DC  A 1 1 ? 6.504   -13.685 -1.181 1.00 22.32 ? 1  DC  A "C4'" 1 
ATOM   4   O  "O4'" . DC  A 1 1 ? 5.416   -14.434 -0.648 1.00 21.23 ? 1  DC  A "O4'" 1 
ATOM   5   C  "C3'" . DC  A 1 1 ? 5.947   -12.308 -1.635 1.00 22.22 ? 1  DC  A "C3'" 1 
ATOM   6   O  "O3'" . DC  A 1 1 ? 5.826   -12.259 -3.080 1.00 23.52 ? 1  DC  A "O3'" 1 
ATOM   7   C  "C2'" . DC  A 1 1 ? 4.570   -12.214 -1.023 1.00 21.47 ? 1  DC  A "C2'" 1 
ATOM   8   C  "C1'" . DC  A 1 1 ? 4.196   -13.732 -0.860 1.00 19.88 ? 1  DC  A "C1'" 1 
ATOM   9   N  N1    . DC  A 1 1 ? 3.389   -13.918 0.344  1.00 18.57 ? 1  DC  A N1    1 
ATOM   10  C  C2    . DC  A 1 1 ? 1.977   -13.993 0.177  1.00 17.49 ? 1  DC  A C2    1 
ATOM   11  O  O2    . DC  A 1 1 ? 1.596   -13.863 -1.004 1.00 17.56 ? 1  DC  A O2    1 
ATOM   12  N  N3    . DC  A 1 1 ? 1.280   -14.170 1.288  1.00 16.64 ? 1  DC  A N3    1 
ATOM   13  C  C4    . DC  A 1 1 ? 1.818   -14.327 2.504  1.00 16.16 ? 1  DC  A C4    1 
ATOM   14  N  N4    . DC  A 1 1 ? 1.078   -14.483 3.599  1.00 16.10 ? 1  DC  A N4    1 
ATOM   15  C  C5    . DC  A 1 1 ? 3.224   -14.263 2.677  1.00 16.92 ? 1  DC  A C5    1 
ATOM   16  C  C6    . DC  A 1 1 ? 3.973   -14.093 1.577  1.00 17.48 ? 1  DC  A C6    1 
ATOM   17  P  P     . DG  A 1 2 ? 6.556   -11.344 -4.210 1.00 30.36 ? 2  DG  A P     1 
ATOM   18  O  OP1   . DG  A 1 2 ? 6.385   -12.082 -5.499 1.00 29.35 ? 2  DG  A OP1   1 
ATOM   19  O  OP2   . DG  A 1 2 ? 7.942   -10.886 -3.682 1.00 28.99 ? 2  DG  A OP2   1 
ATOM   20  O  "O5'" . DG  A 1 2 ? 5.593   -10.074 -4.308 1.00 23.16 ? 2  DG  A "O5'" 1 
ATOM   21  C  "C5'" . DG  A 1 2 ? 4.163   -10.333 -4.595 1.00 21.67 ? 2  DG  A "C5'" 1 
ATOM   22  C  "C4'" . DG  A 1 2 ? 3.520   -9.034  -4.152 1.00 21.33 ? 2  DG  A "C4'" 1 
ATOM   23  O  "O4'" . DG  A 1 2 ? 3.251   -9.133  -2.801 1.00 20.38 ? 2  DG  A "O4'" 1 
ATOM   24  C  "C3'" . DG  A 1 2 ? 4.456   -7.814  -4.332 1.00 21.35 ? 2  DG  A "C3'" 1 
ATOM   25  O  "O3'" . DG  A 1 2 ? 3.768   -6.755  -4.925 1.00 23.13 ? 2  DG  A "O3'" 1 
ATOM   26  C  "C2'" . DG  A 1 2 ? 4.855   -7.454  -2.923 1.00 20.66 ? 2  DG  A "C2'" 1 
ATOM   27  C  "C1'" . DG  A 1 2 ? 3.509   -7.807  -2.287 1.00 19.36 ? 2  DG  A "C1'" 1 
ATOM   28  N  N9    . DG  A 1 2 ? 3.621   -7.842  -0.868 1.00 17.74 ? 2  DG  A N9    1 
ATOM   29  C  C8    . DG  A 1 2 ? 4.717   -8.037  -0.094 1.00 17.39 ? 2  DG  A C8    1 
ATOM   30  N  N7    . DG  A 1 2 ? 4.463   -7.978  1.206  1.00 17.03 ? 2  DG  A N7    1 
ATOM   31  C  C5    . DG  A 1 2 ? 3.075   -7.762  1.247  1.00 16.47 ? 2  DG  A C5    1 
ATOM   32  C  C6    . DG  A 1 2 ? 2.188   -7.628  2.328  1.00 16.15 ? 2  DG  A C6    1 
ATOM   33  O  O6    . DG  A 1 2 ? 2.510   -7.671  3.533  1.00 16.02 ? 2  DG  A O6    1 
ATOM   34  N  N1    . DG  A 1 2 ? 0.907   -7.499  1.939  1.00 15.53 ? 2  DG  A N1    1 
ATOM   35  C  C2    . DG  A 1 2 ? 0.468   -7.400  0.671  1.00 15.30 ? 2  DG  A C2    1 
ATOM   36  N  N2    . DG  A 1 2 ? -0.850  -7.187  0.494  1.00 14.62 ? 2  DG  A N2    1 
ATOM   37  N  N3    . DG  A 1 2 ? 1.269   -7.482  -0.417 1.00 16.04 ? 2  DG  A N3    1 
ATOM   38  C  C4    . DG  A 1 2 ? 2.538   -7.712  -0.016 1.00 16.77 ? 2  DG  A C4    1 
ATOM   39  P  P     . DC  A 1 3 ? 3.928   -6.237  -6.412 1.00 31.83 ? 3  DC  A P     1 
ATOM   40  O  OP1   . DC  A 1 3 ? 4.369   -7.078  -7.551 1.00 33.38 ? 3  DC  A OP1   1 
ATOM   41  O  OP2   . DC  A 1 3 ? 5.034   -5.232  -5.951 1.00 31.81 ? 3  DC  A OP2   1 
ATOM   42  O  "O5'" . DC  A 1 3 ? 2.607   -5.371  -6.684 1.00 25.14 ? 3  DC  A "O5'" 1 
ATOM   43  C  "C5'" . DC  A 1 3 ? 1.298   -5.666  -7.041 1.00 23.14 ? 3  DC  A "C5'" 1 
ATOM   44  C  "C4'" . DC  A 1 3 ? 0.320   -5.384  -5.920 1.00 22.31 ? 3  DC  A "C4'" 1 
ATOM   45  O  "O4'" . DC  A 1 3 ? 0.803   -5.631  -4.635 1.00 21.60 ? 3  DC  A "O4'" 1 
ATOM   46  C  "C3'" . DC  A 1 3 ? -0.109  -3.909  -5.830 1.00 21.76 ? 3  DC  A "C3'" 1 
ATOM   47  O  "O3'" . DC  A 1 3 ? -0.933  -3.588  -6.932 1.00 22.24 ? 3  DC  A "O3'" 1 
ATOM   48  C  "C2'" . DC  A 1 3 ? -0.788  -3.900  -4.471 1.00 21.25 ? 3  DC  A "C2'" 1 
ATOM   49  C  "C1'" . DC  A 1 3 ? -0.102  -4.929  -3.688 1.00 20.50 ? 3  DC  A "C1'" 1 
ATOM   50  N  N1    . DC  A 1 3 ? 0.704   -4.560  -2.496 1.00 19.38 ? 3  DC  A N1    1 
ATOM   51  C  C2    . DC  A 1 3 ? 0.009   -4.355  -1.321 1.00 18.49 ? 3  DC  A C2    1 
ATOM   52  O  O2    . DC  A 1 3 ? -1.208  -4.327  -1.353 1.00 18.66 ? 3  DC  A O2    1 
ATOM   53  N  N3    . DC  A 1 3 ? 0.741   -4.140  -0.200 1.00 18.20 ? 3  DC  A N3    1 
ATOM   54  C  C4    . DC  A 1 3 ? 2.079   -4.141  -0.160 1.00 17.87 ? 3  DC  A C4    1 
ATOM   55  N  N4    . DC  A 1 3 ? 2.688   -3.992  1.009  1.00 18.00 ? 3  DC  A N4    1 
ATOM   56  C  C5    . DC  A 1 3 ? 2.824   -4.341  -1.376 1.00 18.38 ? 3  DC  A C5    1 
ATOM   57  C  C6    . DC  A 1 3 ? 2.075   -4.562  -2.469 1.00 18.88 ? 3  DC  A C6    1 
HETATM 58  P  P     . G49 A 1 4 ? -1.262  -1.962  -7.356 1.00 25.02 ? 4  G49 A P     1 
HETATM 59  O  O1P   . G49 A 1 4 ? -2.078  -2.121  -8.626 1.00 24.62 ? 4  G49 A O1P   1 
HETATM 60  O  O2P   . G49 A 1 4 ? 0.179   -1.450  -7.226 1.00 21.02 ? 4  G49 A O2P   1 
HETATM 61  O  "O5'" . G49 A 1 4 ? -2.142  -1.472  -6.125 1.00 20.65 ? 4  G49 A "O5'" 1 
HETATM 62  C  "C5'" . G49 A 1 4 ? -3.513  -1.902  -5.976 1.00 19.88 ? 4  G49 A "C5'" 1 
HETATM 63  C  "C4'" . G49 A 1 4 ? -4.076  -1.102  -4.827 1.00 19.67 ? 4  G49 A "C4'" 1 
HETATM 64  O  "O4'" . G49 A 1 4 ? -3.524  -1.299  -3.553 1.00 19.10 ? 4  G49 A "O4'" 1 
HETATM 65  C  "C3'" . G49 A 1 4 ? -3.990  0.419   -5.079 1.00 19.53 ? 4  G49 A "C3'" 1 
HETATM 66  O  "O3'" . G49 A 1 4 ? -5.316  0.892   -4.791 1.00 21.16 ? 4  G49 A "O3'" 1 
HETATM 67  C  "C2'" . G49 A 1 4 ? -2.934  0.906   -4.152 1.00 19.07 ? 4  G49 A "C2'" 1 
HETATM 68  C  "C1'" . G49 A 1 4 ? -2.980  -0.118  -3.005 1.00 18.10 ? 4  G49 A "C1'" 1 
HETATM 69  N  N9    . G49 A 1 4 ? -1.625  -0.323  -2.528 1.00 16.94 ? 4  G49 A N9    1 
HETATM 70  C  C8    . G49 A 1 4 ? -0.488  -0.417  -3.257 1.00 16.47 ? 4  G49 A C8    1 
HETATM 71  N  N7    . G49 A 1 4 ? 0.584   -0.570  -2.510 1.00 16.44 ? 4  G49 A N7    1 
HETATM 72  C  C5    . G49 A 1 4 ? 0.105   -0.582  -1.214 1.00 16.27 ? 4  G49 A C5    1 
HETATM 73  C  C6    . G49 A 1 4 ? 0.759   -0.758  0.023  1.00 16.07 ? 4  G49 A C6    1 
HETATM 74  O  O6    . G49 A 1 4 ? 1.948   -0.943  0.260  1.00 16.01 ? 4  G49 A O6    1 
HETATM 75  N  N1    . G49 A 1 4 ? -0.080  -0.676  1.087  1.00 16.42 ? 4  G49 A N1    1 
HETATM 76  C  C2    . G49 A 1 4 ? -1.427  -0.476  0.973  1.00 16.52 ? 4  G49 A C2    1 
HETATM 77  N  N2    . G49 A 1 4 ? -2.141  -0.457  2.110  1.00 17.22 ? 4  G49 A N2    1 
HETATM 78  C  CM2   . G49 A 1 4 ? -3.514  -0.198  1.855  1.00 17.86 ? 4  G49 A CM2   1 
HETATM 79  N  N3    . G49 A 1 4 ? -2.108  -0.360  -0.154 1.00 16.61 ? 4  G49 A N3    1 
HETATM 80  C  C4    . G49 A 1 4 ? -1.261  -0.397  -1.205 1.00 16.45 ? 4  G49 A C4    1 
ATOM   81  P  P     . DC  A 1 5 ? -5.932  2.353   -5.064 1.00 24.67 ? 5  DC  A P     1 
ATOM   82  O  OP1   . DC  A 1 5 ? -7.457  2.396   -5.066 1.00 24.97 ? 5  DC  A OP1   1 
ATOM   83  O  OP2   . DC  A 1 5 ? -5.266  2.635   -6.333 1.00 24.29 ? 5  DC  A OP2   1 
ATOM   84  O  "O5'" . DC  A 1 5 ? -5.410  3.165   -3.730 1.00 22.34 ? 5  DC  A "O5'" 1 
ATOM   85  C  "C5'" . DC  A 1 5 ? -5.941  3.003   -2.364 1.00 21.22 ? 5  DC  A "C5'" 1 
ATOM   86  C  "C4'" . DC  A 1 5 ? -5.014  3.816   -1.477 1.00 20.74 ? 5  DC  A "C4'" 1 
ATOM   87  O  "O4'" . DC  A 1 5 ? -3.804  3.059   -1.285 1.00 20.24 ? 5  DC  A "O4'" 1 
ATOM   88  C  "C3'" . DC  A 1 5 ? -4.539  5.161   -1.989 1.00 20.64 ? 5  DC  A "C3'" 1 
ATOM   89  O  "O3'" . DC  A 1 5 ? -4.656  6.165   -0.969 1.00 22.34 ? 5  DC  A "O3'" 1 
ATOM   90  C  "C2'" . DC  A 1 5 ? -3.073  4.954   -2.360 1.00 19.96 ? 5  DC  A "C2'" 1 
ATOM   91  C  "C1'" . DC  A 1 5 ? -2.734  3.937   -1.219 1.00 18.96 ? 5  DC  A "C1'" 1 
ATOM   92  N  N1    . DC  A 1 5 ? -1.391  3.407   -1.420 1.00 18.04 ? 5  DC  A N1    1 
ATOM   93  C  C2    . DC  A 1 5 ? -0.691  3.034   -0.301 1.00 16.92 ? 5  DC  A C2    1 
ATOM   94  O  O2    . DC  A 1 5 ? -1.268  3.009   0.754  1.00 16.42 ? 5  DC  A O2    1 
ATOM   95  N  N3    . DC  A 1 5 ? 0.597   2.682   -0.463 1.00 16.86 ? 5  DC  A N3    1 
ATOM   96  C  C4    . DC  A 1 5 ? 1.190   2.615   -1.679 1.00 17.17 ? 5  DC  A C4    1 
ATOM   97  N  N4    . DC  A 1 5 ? 2.497   2.262   -1.813 1.00 17.45 ? 5  DC  A N4    1 
ATOM   98  C  C5    . DC  A 1 5 ? 0.479   2.987   -2.832 1.00 17.21 ? 5  DC  A C5    1 
ATOM   99  C  C6    . DC  A 1 5 ? -0.789  3.374   -2.667 1.00 17.68 ? 5  DC  A C6    1 
ATOM   100 P  P     . DG  A 1 6 ? -5.873  7.172   -0.772 1.00 27.43 ? 6  DG  A P     1 
ATOM   101 O  OP1   . DG  A 1 6 ? -7.200  6.423   -0.522 1.00 27.61 ? 6  DG  A OP1   1 
ATOM   102 O  OP2   . DG  A 1 6 ? -5.565  8.083   -1.880 1.00 28.32 ? 6  DG  A OP2   1 
ATOM   103 O  "O5'" . DG  A 1 6 ? -5.672  7.810   0.636  1.00 21.89 ? 6  DG  A "O5'" 1 
ATOM   104 C  "C5'" . DG  A 1 6 ? -4.975  7.200   1.683  1.00 20.79 ? 6  DG  A "C5'" 1 
ATOM   105 C  "C4'" . DG  A 1 6 ? -5.404  7.861   2.955  1.00 20.01 ? 6  DG  A "C4'" 1 
ATOM   106 O  "O4'" . DG  A 1 6 ? -4.261  8.378   3.622  1.00 19.32 ? 6  DG  A "O4'" 1 
ATOM   107 C  "C3'" . DG  A 1 6 ? -6.237  9.141   2.820  1.00 19.79 ? 6  DG  A "C3'" 1 
ATOM   108 O  "O3'" . DG  A 1 6 ? -6.707  9.448   4.104  1.00 20.90 ? 6  DG  A "O3'" 1 
ATOM   109 C  "C2'" . DG  A 1 6 ? -5.185  10.117  2.285  1.00 18.86 ? 6  DG  A "C2'" 1 
ATOM   110 C  "C1'" . DG  A 1 6 ? -3.924  9.666   3.048  1.00 17.74 ? 6  DG  A "C1'" 1 
ATOM   111 N  N9    . DG  A 1 6 ? -2.779  9.602   2.157  1.00 16.20 ? 6  DG  A N9    1 
ATOM   112 C  C8    . DG  A 1 6 ? -2.811  9.720   0.777  1.00 15.78 ? 6  DG  A C8    1 
ATOM   113 N  N7    . DG  A 1 6 ? -1.670  9.626   0.215  1.00 15.67 ? 6  DG  A N7    1 
ATOM   114 C  C5    . DG  A 1 6 ? -0.784  9.452   1.268  1.00 15.06 ? 6  DG  A C5    1 
ATOM   115 C  C6    . DG  A 1 6 ? 0.620   9.300   1.262  1.00 14.82 ? 6  DG  A C6    1 
ATOM   116 O  O6    . DG  A 1 6 ? 1.339   9.295   0.257  1.00 15.07 ? 6  DG  A O6    1 
ATOM   117 N  N1    . DG  A 1 6 ? 1.120   9.113   2.503  1.00 14.66 ? 6  DG  A N1    1 
ATOM   118 C  C2    . DG  A 1 6 ? 0.353   9.102   3.630  1.00 14.18 ? 6  DG  A C2    1 
ATOM   119 N  N2    . DG  A 1 6 ? 0.982   8.921   4.776  1.00 14.03 ? 6  DG  A N2    1 
ATOM   120 N  N3    . DG  A 1 6 ? -0.978  9.240   3.695  1.00 14.73 ? 6  DG  A N3    1 
ATOM   121 C  C4    . DG  A 1 6 ? -1.471  9.399   2.457  1.00 15.23 ? 6  DG  A C4    1 
HETATM 122 C  C1    . DM8 B 2 . ? 4.016   5.632   -1.388 1.00 17.42 ? 7  DM8 A C1    1 
HETATM 123 C  C2    . DM8 B 2 . ? 3.836   5.753   -2.737 1.00 17.57 ? 7  DM8 A C2    1 
HETATM 124 C  C3    . DM8 B 2 . ? 2.525   6.022   -3.326 1.00 17.90 ? 7  DM8 A C3    1 
HETATM 125 C  C4    . DM8 B 2 . ? 1.362   6.156   -2.476 1.00 17.60 ? 7  DM8 A C4    1 
HETATM 126 C  C5    . DM8 B 2 . ? 0.411   6.100   -0.165 1.00 17.11 ? 7  DM8 A C5    1 
HETATM 127 C  C6    . DM8 B 2 . ? -0.370  5.962   2.143  1.00 16.87 ? 7  DM8 A C6    1 
HETATM 128 C  C7    . DM8 B 2 . ? -1.248  5.793   4.509  1.00 18.16 ? 7  DM8 A C7    1 
HETATM 129 C  C8    . DM8 B 2 . ? -0.917  5.521   5.935  1.00 18.55 ? 7  DM8 A C8    1 
HETATM 130 C  C9    . DM8 B 2 . ? 0.404   4.824   6.205  1.00 18.40 ? 7  DM8 A C9    1 
HETATM 131 C  C10   . DM8 B 2 . ? 1.608   5.344   5.379  1.00 17.79 ? 7  DM8 A C10   1 
HETATM 132 C  C11   . DM8 B 2 . ? 2.254   5.473   3.092  1.00 16.81 ? 7  DM8 A C11   1 
HETATM 133 C  C12   . DM8 B 2 . ? 3.199   5.572   0.828  1.00 16.63 ? 7  DM8 A C12   1 
HETATM 134 C  C13   . DM8 B 2 . ? 0.762   4.828   7.663  1.00 18.92 ? 7  DM8 A C13   1 
HETATM 135 C  C14   . DM8 B 2 . ? 0.406   3.841   8.776  1.00 19.77 ? 7  DM8 A C14   1 
HETATM 136 C  C15   . DM8 B 2 . ? 2.854   5.785   -0.567 1.00 17.13 ? 7  DM8 A C15   1 
HETATM 137 C  C16   . DM8 B 2 . ? 1.612   6.008   -1.094 1.00 17.44 ? 7  DM8 A C16   1 
HETATM 138 C  C17   . DM8 B 2 . ? 0.701   5.886   1.254  1.00 16.82 ? 7  DM8 A C17   1 
HETATM 139 C  C18   . DM8 B 2 . ? 2.098   5.624   1.730  1.00 16.63 ? 7  DM8 A C18   1 
HETATM 140 C  C19   . DM8 B 2 . ? 1.210   5.547   4.021  1.00 17.05 ? 7  DM8 A C19   1 
HETATM 141 C  C20   . DM8 B 2 . ? -0.058  5.799   3.515  1.00 17.32 ? 7  DM8 A C20   1 
HETATM 142 C  C21   . DM8 B 2 . ? -0.289  6.576   -4.280 1.00 17.89 ? 7  DM8 A C21   1 
HETATM 143 O  O4    . DM8 B 2 . ? 0.123   6.396   -2.956 1.00 18.15 ? 7  DM8 A O4    1 
HETATM 144 O  O5    . DM8 B 2 . ? -0.774  6.317   -0.517 1.00 17.53 ? 7  DM8 A O5    1 
HETATM 145 O  O6    . DM8 B 2 . ? -1.580  6.177   1.737  1.00 17.18 ? 7  DM8 A O6    1 
HETATM 146 O  O7    . DM8 B 2 . ? -1.965  4.613   3.934  1.00 19.51 ? 7  DM8 A O7    1 
HETATM 147 O  O9    . DM8 B 2 . ? 0.254   3.341   5.917  1.00 19.08 ? 7  DM8 A O9    1 
HETATM 148 O  O11   . DM8 B 2 . ? 3.567   5.259   3.539  1.00 16.91 ? 7  DM8 A O11   1 
HETATM 149 O  O12   . DM8 B 2 . ? 4.388   5.372   1.124  1.00 16.89 ? 7  DM8 A O12   1 
HETATM 150 O  O13   . DM8 B 2 . ? 1.538   5.754   7.942  1.00 20.12 ? 7  DM8 A O13   1 
HETATM 151 C  "C1'" . DM8 B 2 . ? -3.358  4.533   3.957  1.00 20.86 ? 7  DM8 A "C1'" 1 
HETATM 152 C  "C2'" . DM8 B 2 . ? -3.829  3.531   2.875  1.00 20.94 ? 7  DM8 A "C2'" 1 
HETATM 153 C  "C3'" . DM8 B 2 . ? -3.460  2.102   3.239  1.00 20.85 ? 7  DM8 A "C3'" 1 
HETATM 154 C  "C4'" . DM8 B 2 . ? -4.127  1.769   4.593  1.00 20.86 ? 7  DM8 A "C4'" 1 
HETATM 155 C  "C5'" . DM8 B 2 . ? -3.378  2.621   5.661  1.00 21.01 ? 7  DM8 A "C5'" 1 
HETATM 156 C  "C6'" . DM8 B 2 . ? -4.027  2.469   7.052  1.00 21.05 ? 7  DM8 A "C6'" 1 
HETATM 157 O  "O5'" . DM8 B 2 . ? -3.728  4.050   5.315  1.00 20.98 ? 7  DM8 A "O5'" 1 
HETATM 158 O  "O4'" . DM8 B 2 . ? -3.998  0.329   4.928  1.00 21.59 ? 7  DM8 A "O4'" 1 
HETATM 159 N  "N3'" . DM8 B 2 . ? -3.982  1.153   2.154  1.00 19.82 ? 7  DM8 A "N3'" 1 
HETATM 160 BR BR    . DM8 B 2 . ? -5.595  3.838   2.563  1.00 24.12 ? 7  DM8 A BR    1 
HETATM 161 O  O     . HOH C 3 . ? 3.163   -1.083  -3.545 1.00 35.97 ? 8  HOH A O     1 
HETATM 162 O  O     . HOH C 3 . ? 6.452   1.338   -0.136 1.00 19.81 ? 9  HOH A O     1 
HETATM 163 O  O     . HOH C 3 . ? 9.404   -10.392 0.071  1.00 45.48 ? 10 HOH A O     1 
HETATM 164 O  O     . HOH C 3 . ? 12.232  -0.498  1.981  1.00 52.48 ? 11 HOH A O     1 
HETATM 165 O  O     . HOH C 3 . ? -9.523  -0.522  6.952  1.00 59.31 ? 12 HOH A O     1 
HETATM 166 O  O     . HOH C 3 . ? -0.083  9.550   -2.061 1.00 35.56 ? 13 HOH A O     1 
HETATM 167 O  O     . HOH C 3 . ? 2.627   -14.980 6.020  1.00 47.04 ? 14 HOH A O     1 
HETATM 168 O  O     . HOH C 3 . ? -7.040  9.674   9.310  1.00 53.53 ? 15 HOH A O     1 
HETATM 169 O  O     . HOH C 3 . ? -5.275  11.146  -1.519 1.00 26.65 ? 16 HOH A O     1 
HETATM 170 O  O     . HOH C 3 . ? 6.098   -4.061  -2.052 1.00 41.91 ? 17 HOH A O     1 
HETATM 171 O  O     . HOH C 3 . ? 5.671   -0.198  -3.231 1.00 62.02 ? 18 HOH A O     1 
HETATM 172 O  O     . HOH C 3 . ? -6.950  0.443   1.997  1.00 28.29 ? 19 HOH A O     1 
HETATM 173 O  O     . HOH C 3 . ? 5.078   -4.720  1.603  1.00 33.77 ? 20 HOH A O     1 
HETATM 174 O  O     . HOH C 3 . ? 4.076   -1.034  -0.829 1.00 23.53 ? 21 HOH A O     1 
HETATM 175 O  O     . HOH C 3 . ? 4.817   0.217   -6.242 1.00 62.00 ? 22 HOH A O     1 
HETATM 176 O  O     . HOH C 3 . ? -8.318  3.910   -0.142 1.00 52.22 ? 23 HOH A O     1 
HETATM 177 O  O     . HOH C 3 . ? 7.634   -8.407  -7.486 1.00 58.82 ? 24 HOH A O     1 
HETATM 178 O  O     . HOH C 3 . ? 7.685   -8.941  -1.480 1.00 57.03 ? 25 HOH A O     1 
HETATM 179 O  O     . HOH C 3 . ? -5.839  4.255   -9.224 1.00 77.85 ? 26 HOH A O     1 
HETATM 180 O  O     . HOH C 3 . ? -6.721  5.566   5.867  1.00 55.07 ? 27 HOH A O     1 
HETATM 181 O  O     . HOH C 3 . ? 6.950   4.001   0.442  1.00 55.81 ? 28 HOH A O     1 
HETATM 182 O  O     . HOH C 3 . ? 5.379   -13.004 6.543  1.00 51.33 ? 29 HOH A O     1 
HETATM 183 O  O     . HOH C 3 . ? -3.750  6.974   9.538  1.00 64.77 ? 30 HOH A O     1 
HETATM 184 O  O     . HOH C 3 . ? -5.852  8.548   7.108  1.00 59.90 ? 31 HOH A O     1 
HETATM 185 O  O     . HOH C 3 . ? -5.157  11.276  10.907 1.00 77.43 ? 32 HOH A O     1 
HETATM 186 O  O     . HOH C 3 . ? 0.676   8.912   7.251  1.00 42.91 ? 33 HOH A O     1 
HETATM 187 O  O     . HOH C 3 . ? -3.022  11.674  -3.367 1.00 67.91 ? 34 HOH A O     1 
HETATM 188 O  O     . HOH C 3 . ? -6.648  -0.966  5.108  1.00 39.81 ? 35 HOH A O     1 
HETATM 189 O  O     . HOH C 3 . ? -5.355  11.135  14.881 1.00 58.15 ? 36 HOH A O     1 
HETATM 190 O  O     . HOH C 3 . ? 8.123   2.184   1.698  1.00 62.47 ? 37 HOH A O     1 
HETATM 191 O  O     . HOH C 3 . ? 3.420   2.625   -5.047 1.00 43.44 ? 38 HOH A O     1 
HETATM 192 O  O     . HOH C 3 . ? 2.584   -8.525  -8.502 1.00 47.66 ? 39 HOH A O     1 
HETATM 193 O  O     . HOH C 3 . ? -10.666 3.484   11.140 1.00 57.12 ? 40 HOH A O     1 
HETATM 194 O  O     . HOH C 3 . ? -2.564  8.740   -2.731 1.00 57.15 ? 41 HOH A O     1 
HETATM 195 O  O     . HOH C 3 . ? -9.310  2.747   -2.847 1.00 57.07 ? 42 HOH A O     1 
HETATM 196 O  O     . HOH C 3 . ? -2.348  9.535   7.006  1.00 39.47 ? 43 HOH A O     1 
HETATM 197 O  O     . HOH C 3 . ? -10.963 -2.807  0.238  1.00 56.30 ? 44 HOH A O     1 
HETATM 198 O  O     . HOH C 3 . ? 6.727   -3.574  -6.705 1.00 57.11 ? 45 HOH A O     1 
HETATM 199 O  O     . HOH C 3 . ? -9.227  1.691   -8.548 1.00 51.51 ? 46 HOH A O     1 
HETATM 200 O  O     . HOH C 3 . ? 9.430   -0.547  2.056  1.00 53.63 ? 47 HOH A O     1 
HETATM 201 O  O     . HOH C 3 . ? 8.144   -0.545  9.281  1.00 56.30 ? 48 HOH A O     1 
HETATM 202 O  O     . HOH C 3 . ? 6.997   3.601   15.293 1.00 44.93 ? 49 HOH A O     1 
HETATM 203 O  O     . HOH C 3 . ? -8.667  3.731   7.196  1.00 54.55 ? 50 HOH A O     1 
HETATM 204 O  O     . HOH C 3 . ? -2.384  3.870   -5.565 1.00 41.06 ? 51 HOH A O     1 
# 
